data_6H5T
#
_entry.id   6H5T
#
_cell.length_a   86.792
_cell.length_b   86.792
_cell.length_c   141.768
_cell.angle_alpha   90.00
_cell.angle_beta   90.00
_cell.angle_gamma   90.00
#
_symmetry.space_group_name_H-M   'I 4 2 2'
#
loop_
_entity.id
_entity.type
_entity.pdbx_description
1 polymer Intersectin-1
2 non-polymer 2,5,8,11,14,17,20,23-OCTAOXAPENTACOSAN-25-OL
3 non-polymer 'CHLORIDE ION'
4 non-polymer 'ZINC ION'
5 non-polymer 'ACETATE ION'
6 water water
#
_entity_poly.entity_id   1
_entity_poly.type   'polypeptide(L)'
_entity_poly.pdbx_seq_one_letter_code
;GSHMKVVYYRALYPFESRSHDEITIQPGDIVMVDESQTGEPGWLGGELKGKTGWFPANYAEKIPENEVPAPVKPVTDSTS
APAPKLALRETPAPLAVTS
;
_entity_poly.pdbx_strand_id   A,B
#
loop_
_chem_comp.id
_chem_comp.type
_chem_comp.name
_chem_comp.formula
7PG non-polymer 2,5,8,11,14,17,20,23-OCTAOXAPENTACOSAN-25-OL 'C17 H36 O9'
ACT non-polymer 'ACETATE ION' 'C2 H3 O2 -1'
CL non-polymer 'CHLORIDE ION' 'Cl -1'
ZN non-polymer 'ZINC ION' 'Zn 2'
#
# COMPACT_ATOMS: atom_id res chain seq x y z
N GLY A 1 -12.70 -4.16 14.88
CA GLY A 1 -12.86 -5.62 14.95
C GLY A 1 -12.25 -6.18 16.23
N SER A 2 -11.92 -7.48 16.25
CA SER A 2 -11.37 -8.14 17.42
CA SER A 2 -11.37 -8.12 17.43
C SER A 2 -10.05 -8.83 17.11
N HIS A 3 -9.14 -8.78 18.09
CA HIS A 3 -7.86 -9.47 17.95
C HIS A 3 -8.04 -10.98 18.06
N MET A 4 -7.15 -11.72 17.36
CA MET A 4 -7.11 -13.16 17.46
C MET A 4 -5.67 -13.60 17.40
N LYS A 5 -5.41 -14.82 17.87
CA LYS A 5 -4.08 -15.40 17.81
C LYS A 5 -3.58 -15.34 16.37
N VAL A 6 -2.33 -14.90 16.20
CA VAL A 6 -1.83 -14.59 14.87
C VAL A 6 -1.82 -15.88 14.02
N VAL A 7 -2.31 -15.77 12.78
CA VAL A 7 -2.36 -16.88 11.82
C VAL A 7 -2.06 -16.36 10.43
N TYR A 8 -1.81 -17.27 9.50
CA TYR A 8 -1.44 -16.85 8.16
C TYR A 8 -2.50 -17.31 7.18
N TYR A 9 -2.83 -16.42 6.24
CA TYR A 9 -3.79 -16.67 5.16
C TYR A 9 -3.10 -16.49 3.82
N ARG A 10 -3.45 -17.34 2.85
CA ARG A 10 -2.97 -17.19 1.49
CA ARG A 10 -2.97 -17.18 1.48
C ARG A 10 -4.08 -16.59 0.64
N ALA A 11 -3.80 -15.47 -0.03
CA ALA A 11 -4.82 -14.86 -0.90
C ALA A 11 -5.15 -15.78 -2.06
N LEU A 12 -6.44 -15.83 -2.40
CA LEU A 12 -6.95 -16.60 -3.52
C LEU A 12 -7.44 -15.76 -4.70
N TYR A 13 -7.89 -14.53 -4.44
CA TYR A 13 -8.48 -13.65 -5.44
C TYR A 13 -7.92 -12.26 -5.24
N PRO A 14 -7.81 -11.46 -6.29
CA PRO A 14 -7.28 -10.11 -6.10
C PRO A 14 -8.30 -9.21 -5.45
N PHE A 15 -7.78 -8.30 -4.60
CA PHE A 15 -8.58 -7.25 -3.97
C PHE A 15 -7.74 -5.99 -3.94
N GLU A 16 -8.28 -4.88 -4.44
CA GLU A 16 -7.58 -3.59 -4.45
CA GLU A 16 -7.57 -3.59 -4.44
C GLU A 16 -8.06 -2.72 -3.30
N SER A 17 -7.13 -2.26 -2.47
CA SER A 17 -7.45 -1.37 -1.36
C SER A 17 -7.87 0.01 -1.89
N ARG A 18 -8.79 0.66 -1.16
CA ARG A 18 -9.13 2.05 -1.48
C ARG A 18 -9.05 2.96 -0.26
N SER A 19 -9.57 2.52 0.88
CA SER A 19 -9.50 3.36 2.06
C SER A 19 -8.20 3.07 2.82
N HIS A 20 -7.86 3.98 3.76
CA HIS A 20 -6.63 3.84 4.54
C HIS A 20 -6.54 2.49 5.22
N ASP A 21 -7.68 1.96 5.70
CA ASP A 21 -7.69 0.77 6.54
C ASP A 21 -7.84 -0.53 5.75
N GLU A 22 -7.61 -0.51 4.43
CA GLU A 22 -7.66 -1.71 3.59
C GLU A 22 -6.25 -2.06 3.08
N ILE A 23 -6.05 -3.33 2.71
CA ILE A 23 -4.81 -3.69 2.01
C ILE A 23 -5.12 -4.37 0.70
N THR A 24 -4.23 -4.17 -0.26
CA THR A 24 -4.32 -4.87 -1.54
C THR A 24 -3.71 -6.27 -1.41
N ILE A 25 -4.38 -7.26 -1.98
CA ILE A 25 -3.82 -8.61 -2.01
C ILE A 25 -3.91 -9.14 -3.44
N GLN A 26 -2.92 -9.97 -3.82
CA GLN A 26 -2.95 -10.72 -5.07
CA GLN A 26 -2.90 -10.71 -5.07
C GLN A 26 -2.85 -12.22 -4.80
N PRO A 27 -3.41 -13.05 -5.68
CA PRO A 27 -3.36 -14.50 -5.45
C PRO A 27 -1.97 -14.98 -5.11
N GLY A 28 -1.87 -15.76 -4.03
CA GLY A 28 -0.60 -16.26 -3.57
C GLY A 28 0.07 -15.43 -2.50
N ASP A 29 -0.30 -14.16 -2.33
CA ASP A 29 0.23 -13.39 -1.20
C ASP A 29 -0.07 -14.08 0.13
N ILE A 30 0.89 -14.02 1.05
CA ILE A 30 0.71 -14.54 2.41
C ILE A 30 0.52 -13.36 3.37
N VAL A 31 -0.64 -13.29 4.03
CA VAL A 31 -0.95 -12.21 4.97
C VAL A 31 -0.83 -12.73 6.41
N MET A 32 -0.16 -11.97 7.28
CA MET A 32 -0.12 -12.31 8.71
C MET A 32 -1.34 -11.64 9.35
N VAL A 33 -2.34 -12.45 9.75
CA VAL A 33 -3.66 -11.96 10.16
C VAL A 33 -3.77 -11.98 11.67
N ASP A 34 -4.26 -10.86 12.26
CA ASP A 34 -4.49 -10.80 13.70
C ASP A 34 -5.81 -10.13 14.03
N GLU A 35 -6.66 -9.80 13.05
CA GLU A 35 -7.93 -9.14 13.36
C GLU A 35 -9.05 -9.74 12.52
N SER A 36 -10.27 -9.72 13.06
CA SER A 36 -11.41 -10.04 12.22
C SER A 36 -12.54 -9.07 12.52
N GLN A 37 -13.36 -8.86 11.51
CA GLN A 37 -14.63 -8.18 11.68
C GLN A 37 -15.68 -9.14 11.16
N THR A 38 -16.51 -9.66 12.07
CA THR A 38 -17.52 -10.66 11.71
C THR A 38 -18.51 -10.13 10.71
N GLY A 39 -18.90 -10.98 9.76
CA GLY A 39 -19.92 -10.59 8.81
C GLY A 39 -20.17 -11.73 7.85
N GLU A 40 -20.92 -11.45 6.80
CA GLU A 40 -21.27 -12.45 5.79
C GLU A 40 -20.80 -11.98 4.44
N PRO A 41 -19.52 -12.21 4.10
CA PRO A 41 -18.51 -13.01 4.80
C PRO A 41 -17.60 -12.24 5.74
N GLY A 42 -17.73 -10.94 5.83
CA GLY A 42 -16.91 -10.19 6.76
C GLY A 42 -15.50 -9.95 6.25
N TRP A 43 -14.62 -9.58 7.17
CA TRP A 43 -13.29 -9.06 6.83
C TRP A 43 -12.24 -9.67 7.74
N LEU A 44 -11.04 -9.82 7.20
CA LEU A 44 -9.89 -10.19 8.00
C LEU A 44 -8.87 -9.06 7.91
N GLY A 45 -8.10 -8.88 8.97
CA GLY A 45 -7.16 -7.78 9.03
C GLY A 45 -5.76 -8.25 9.36
N GLY A 46 -4.79 -7.71 8.65
CA GLY A 46 -3.43 -8.15 8.92
C GLY A 46 -2.41 -7.35 8.15
N GLU A 47 -1.20 -7.91 8.10
CA GLU A 47 -0.08 -7.17 7.56
C GLU A 47 0.51 -7.89 6.34
N LEU A 48 0.80 -7.10 5.31
CA LEU A 48 1.39 -7.57 4.05
C LEU A 48 2.30 -6.49 3.48
N LYS A 49 3.57 -6.80 3.31
CA LYS A 49 4.52 -5.89 2.64
C LYS A 49 4.61 -4.57 3.36
N GLY A 50 4.58 -4.58 4.70
CA GLY A 50 4.71 -3.31 5.37
C GLY A 50 3.43 -2.51 5.50
N LYS A 51 2.31 -2.99 4.95
CA LYS A 51 1.04 -2.30 5.11
CA LYS A 51 1.03 -2.32 5.08
C LYS A 51 0.07 -3.16 5.93
N THR A 52 -0.87 -2.49 6.62
CA THR A 52 -1.86 -3.21 7.42
C THR A 52 -3.28 -2.77 7.07
N GLY A 53 -4.19 -3.73 7.10
CA GLY A 53 -5.57 -3.39 6.81
C GLY A 53 -6.45 -4.59 6.61
N TRP A 54 -7.72 -4.28 6.30
CA TRP A 54 -8.75 -5.26 6.01
C TRP A 54 -8.73 -5.74 4.55
N PHE A 55 -9.20 -6.98 4.35
CA PHE A 55 -9.54 -7.52 3.05
C PHE A 55 -10.71 -8.48 3.26
N PRO A 56 -11.51 -8.73 2.22
CA PRO A 56 -12.70 -9.57 2.41
C PRO A 56 -12.33 -11.00 2.78
N ALA A 57 -13.00 -11.53 3.82
CA ALA A 57 -12.54 -12.77 4.43
C ALA A 57 -12.57 -13.94 3.45
N ASN A 58 -13.50 -13.95 2.52
CA ASN A 58 -13.61 -15.07 1.58
C ASN A 58 -12.62 -14.95 0.40
N TYR A 59 -11.73 -13.95 0.44
CA TYR A 59 -10.75 -13.83 -0.64
C TYR A 59 -9.45 -14.55 -0.33
N ALA A 60 -9.33 -15.19 0.83
CA ALA A 60 -8.12 -15.92 1.19
C ALA A 60 -8.50 -17.18 1.94
N GLU A 61 -7.51 -18.05 2.14
CA GLU A 61 -7.71 -19.31 2.83
C GLU A 61 -6.69 -19.42 3.94
N LYS A 62 -7.14 -19.94 5.09
CA LYS A 62 -6.25 -20.13 6.23
C LYS A 62 -5.20 -21.17 5.92
N ILE A 63 -3.95 -20.87 6.24
CA ILE A 63 -2.89 -21.85 6.04
C ILE A 63 -2.78 -22.71 7.29
N PRO A 64 -2.83 -24.04 7.15
CA PRO A 64 -2.66 -24.91 8.33
C PRO A 64 -1.30 -24.68 8.97
N GLU A 65 -1.26 -24.84 10.29
CA GLU A 65 -0.02 -24.59 11.04
C GLU A 65 0.80 -25.87 11.22
N GLY B 1 11.58 14.30 6.36
CA GLY B 1 11.65 15.06 5.13
C GLY B 1 10.95 16.38 5.36
N SER B 2 10.68 17.10 4.27
CA SER B 2 10.12 18.43 4.35
C SER B 2 8.83 18.47 3.55
N HIS B 3 7.86 19.22 4.06
CA HIS B 3 6.61 19.41 3.30
C HIS B 3 6.82 20.37 2.13
N MET B 4 6.03 20.16 1.08
CA MET B 4 6.06 20.97 -0.15
CA MET B 4 6.03 21.12 -0.02
C MET B 4 4.62 21.23 -0.58
N LYS B 5 4.43 22.30 -1.34
CA LYS B 5 3.16 22.53 -2.01
C LYS B 5 2.76 21.27 -2.77
N VAL B 6 1.52 20.82 -2.56
CA VAL B 6 1.12 19.53 -3.09
C VAL B 6 1.16 19.55 -4.63
N VAL B 7 1.78 18.52 -5.21
CA VAL B 7 1.89 18.36 -6.66
C VAL B 7 1.64 16.90 -6.99
N TYR B 8 1.48 16.61 -8.29
CA TYR B 8 1.22 15.23 -8.68
C TYR B 8 2.36 14.68 -9.50
N TYR B 9 2.70 13.42 -9.23
CA TYR B 9 3.77 12.70 -9.93
C TYR B 9 3.17 11.47 -10.59
N ARG B 10 3.64 11.15 -11.78
CA ARG B 10 3.26 9.92 -12.45
CA ARG B 10 3.25 9.92 -12.46
C ARG B 10 4.37 8.89 -12.31
N ALA B 11 4.03 7.73 -11.74
CA ALA B 11 5.00 6.65 -11.62
C ALA B 11 5.41 6.18 -13.02
N LEU B 12 6.72 5.89 -13.20
CA LEU B 12 7.23 5.41 -14.47
C LEU B 12 7.93 4.05 -14.34
N TYR B 13 8.23 3.64 -13.12
CA TYR B 13 8.93 2.38 -12.87
C TYR B 13 8.29 1.75 -11.65
N PRO B 14 8.26 0.42 -11.60
CA PRO B 14 7.61 -0.24 -10.46
C PRO B 14 8.52 -0.15 -9.25
N PHE B 15 7.92 0.09 -8.09
CA PHE B 15 8.65 0.09 -6.82
C PHE B 15 7.77 -0.64 -5.81
N GLU B 16 8.32 -1.65 -5.12
CA GLU B 16 7.56 -2.42 -4.13
C GLU B 16 7.93 -1.92 -2.72
N SER B 17 6.92 -1.53 -1.97
CA SER B 17 7.13 -1.08 -0.61
C SER B 17 7.56 -2.27 0.25
N ARG B 18 8.41 -2.00 1.25
CA ARG B 18 8.78 -3.02 2.24
C ARG B 18 8.54 -2.49 3.66
N SER B 19 8.98 -1.28 3.95
CA SER B 19 8.82 -0.75 5.30
C SER B 19 7.47 -0.01 5.40
N HIS B 20 7.02 0.23 6.66
CA HIS B 20 5.74 0.92 6.87
C HIS B 20 5.65 2.21 6.12
N ASP B 21 6.77 2.93 6.00
CA ASP B 21 6.74 4.29 5.51
C ASP B 21 6.99 4.38 4.01
N GLU B 22 6.88 3.26 3.28
CA GLU B 22 7.04 3.23 1.83
C GLU B 22 5.69 2.99 1.16
N ILE B 23 5.54 3.39 -0.13
CA ILE B 23 4.36 2.95 -0.87
C ILE B 23 4.76 2.23 -2.13
N THR B 24 3.96 1.24 -2.50
CA THR B 24 4.13 0.58 -3.79
C THR B 24 3.54 1.42 -4.93
N ILE B 25 4.30 1.56 -6.01
CA ILE B 25 3.83 2.28 -7.19
C ILE B 25 3.99 1.41 -8.41
N GLN B 26 3.05 1.52 -9.35
CA GLN B 26 3.19 0.85 -10.63
CA GLN B 26 3.13 0.84 -10.64
C GLN B 26 3.14 1.88 -11.75
N PRO B 27 3.84 1.63 -12.87
CA PRO B 27 3.85 2.60 -13.97
C PRO B 27 2.45 3.07 -14.31
N GLY B 28 2.30 4.40 -14.38
CA GLY B 28 1.04 5.02 -14.76
C GLY B 28 0.27 5.56 -13.56
N ASP B 29 0.55 5.03 -12.35
CA ASP B 29 -0.09 5.52 -11.13
C ASP B 29 0.17 7.00 -10.93
N ILE B 30 -0.85 7.71 -10.45
CA ILE B 30 -0.70 9.12 -10.13
C ILE B 30 -0.68 9.28 -8.62
N VAL B 31 0.43 9.82 -8.12
CA VAL B 31 0.66 9.97 -6.68
C VAL B 31 0.49 11.44 -6.32
N MET B 32 -0.27 11.71 -5.25
CA MET B 32 -0.38 13.08 -4.71
C MET B 32 0.78 13.27 -3.73
N VAL B 33 1.78 14.09 -4.11
CA VAL B 33 3.06 14.20 -3.40
C VAL B 33 3.11 15.47 -2.55
N ASP B 34 3.52 15.34 -1.27
CA ASP B 34 3.62 16.52 -0.39
C ASP B 34 4.87 16.49 0.47
N GLU B 35 5.79 15.53 0.27
CA GLU B 35 7.00 15.45 1.07
C GLU B 35 8.20 15.14 0.20
N SER B 36 9.36 15.71 0.55
CA SER B 36 10.57 15.25 -0.14
C SER B 36 11.67 15.04 0.88
N GLN B 37 12.58 14.12 0.55
CA GLN B 37 13.81 13.92 1.31
C GLN B 37 14.95 14.05 0.32
N THR B 38 15.73 15.12 0.45
CA THR B 38 16.77 15.44 -0.53
CA THR B 38 16.75 15.42 -0.55
C THR B 38 17.83 14.35 -0.56
N GLY B 39 18.35 14.07 -1.75
CA GLY B 39 19.42 13.11 -1.89
C GLY B 39 19.73 12.88 -3.36
N GLU B 40 20.60 11.91 -3.63
CA GLU B 40 20.93 11.53 -5.00
CA GLU B 40 20.92 11.53 -5.00
C GLU B 40 20.53 10.08 -5.25
N PRO B 41 19.29 9.86 -5.73
CA PRO B 41 18.32 10.89 -6.12
C PRO B 41 17.31 11.34 -5.06
N GLY B 42 17.37 10.80 -3.85
CA GLY B 42 16.41 11.21 -2.85
C GLY B 42 15.10 10.46 -3.01
N TRP B 43 14.12 10.92 -2.22
CA TRP B 43 12.81 10.31 -2.06
C TRP B 43 11.70 11.34 -2.14
N LEU B 44 10.53 10.87 -2.60
CA LEU B 44 9.32 11.67 -2.65
C LEU B 44 8.25 10.93 -1.86
N GLY B 45 7.42 11.66 -1.13
CA GLY B 45 6.42 11.05 -0.27
C GLY B 45 5.02 11.52 -0.59
N GLY B 46 4.09 10.59 -0.63
CA GLY B 46 2.73 11.00 -0.96
C GLY B 46 1.71 9.90 -0.78
N GLU B 47 0.52 10.12 -1.38
CA GLU B 47 -0.62 9.24 -1.17
C GLU B 47 -1.08 8.64 -2.51
N LEU B 48 -1.40 7.34 -2.46
CA LEU B 48 -1.90 6.57 -3.62
C LEU B 48 -2.81 5.46 -3.10
N LYS B 49 -4.07 5.45 -3.52
CA LYS B 49 -4.95 4.31 -3.22
C LYS B 49 -5.14 4.15 -1.73
N GLY B 50 -5.23 5.28 -0.99
CA GLY B 50 -5.38 5.11 0.44
C GLY B 50 -4.12 4.77 1.22
N LYS B 51 -2.97 4.67 0.60
N LYS B 51 -2.97 4.76 0.57
CA LYS B 51 -1.75 4.42 1.36
CA LYS B 51 -1.69 4.42 1.15
C LYS B 51 -0.80 5.59 1.14
C LYS B 51 -0.77 5.64 1.09
N THR B 52 0.06 5.83 2.12
CA THR B 52 1.04 6.93 2.06
C THR B 52 2.44 6.43 2.36
N GLY B 53 3.42 7.09 1.77
CA GLY B 53 4.81 6.69 2.03
C GLY B 53 5.75 7.23 0.96
N TRP B 54 7.01 6.84 1.14
CA TRP B 54 8.13 7.23 0.30
C TRP B 54 8.24 6.31 -0.90
N PHE B 55 8.75 6.86 -2.01
CA PHE B 55 9.24 6.10 -3.16
C PHE B 55 10.44 6.85 -3.72
N PRO B 56 11.33 6.17 -4.44
CA PRO B 56 12.55 6.84 -4.95
C PRO B 56 12.19 7.92 -5.97
N ALA B 57 12.83 9.08 -5.82
CA ALA B 57 12.37 10.24 -6.60
C ALA B 57 12.49 10.00 -8.10
N ASN B 58 13.51 9.25 -8.53
CA ASN B 58 13.71 9.07 -9.97
C ASN B 58 12.84 7.98 -10.57
N TYR B 59 11.87 7.45 -9.83
CA TYR B 59 10.96 6.47 -10.40
C TYR B 59 9.69 7.09 -10.93
N ALA B 60 9.54 8.41 -10.83
CA ALA B 60 8.31 9.08 -11.28
C ALA B 60 8.67 10.41 -11.92
N GLU B 61 7.72 10.97 -12.69
CA GLU B 61 7.88 12.26 -13.34
C GLU B 61 6.87 13.26 -12.77
N LYS B 62 7.30 14.49 -12.61
CA LYS B 62 6.41 15.51 -12.09
C LYS B 62 5.44 15.94 -13.18
N ILE B 63 4.16 16.05 -12.83
CA ILE B 63 3.14 16.46 -13.79
C ILE B 63 3.03 17.99 -13.73
N PRO B 64 3.23 18.70 -14.84
CA PRO B 64 3.09 20.17 -14.82
C PRO B 64 1.70 20.58 -14.33
N GLU B 65 1.66 21.71 -13.61
CA GLU B 65 0.37 22.11 -13.04
C GLU B 65 -0.61 22.53 -14.12
N ASN B 66 -0.14 23.00 -15.29
CA ASN B 66 -1.04 23.21 -16.43
C ASN B 66 -1.58 21.88 -16.97
N GLU B 67 -0.86 20.77 -16.76
CA GLU B 67 -1.30 19.45 -17.22
C GLU B 67 -1.94 18.61 -16.11
O1 7PG C . -3.66 -5.74 11.64
C3 7PG C . -4.80 -4.87 11.76
C4 7PG C . -5.68 -4.79 10.50
O2 7PG C . -6.92 -4.10 10.67
C5 7PG C . -7.06 -2.94 9.89
C6 7PG C . -7.10 -1.65 10.70
O3 7PG C . -6.24 -0.71 10.11
CL CL D . -22.24 -8.58 6.76
ZN ZN E . -12.93 1.17 7.15
ZN ZN F . -5.81 9.73 2.67
OXT 7PG G . 17.29 6.14 -14.83
C1 7PG G . 16.01 6.38 -14.33
C2 7PG G . 15.37 5.00 -14.15
O1 7PG G . 15.30 4.72 -12.80
C3 7PG G . 14.44 3.68 -12.48
C4 7PG G . 15.29 2.59 -11.85
O2 7PG G . 14.64 1.37 -12.02
C5 7PG G . 15.31 0.53 -12.93
C6 7PG G . 16.33 -0.31 -12.17
O3 7PG G . 17.18 -0.97 -13.07
C ACT H . 15.03 16.65 4.16
O ACT H . 15.64 16.48 3.10
OXT ACT H . 14.27 17.65 4.23
CH3 ACT H . 15.23 15.69 5.28
ZN ZN I . 11.92 4.87 6.51
#